data_1Z1A
#
_entry.id   1Z1A
#
_cell.length_a   60.928
_cell.length_b   60.928
_cell.length_c   159.257
_cell.angle_alpha   90.00
_cell.angle_beta   90.00
_cell.angle_gamma   120.00
#
_symmetry.space_group_name_H-M   'P 32 2 1'
#
loop_
_entity.id
_entity.type
_entity.pdbx_description
1 polymer 'Regulatory protein SIR1'
2 water water
#
_entity_poly.entity_id   1
_entity_poly.type   'polypeptide(L)'
_entity_poly.pdbx_seq_one_letter_code
;GSHMENMWAAEKKFSTEEEYVSPRFLVADGFLIDLAEEKPINPKDPRLLTLLKDHQRA(MSE)IDQ(MSE)NLVKWNDFK
KYQDPIPLKAKTLFKFCKQIKKKFLRGADFKLHTLPTEANLKYEPER(MSE)TVLASCVPILLDDQTVQYLYDD
;
_entity_poly.pdbx_strand_id   A,B
#
# COMPACT_ATOMS: atom_id res chain seq x y z
N SER A 15 6.23 13.22 -6.09
CA SER A 15 6.14 14.47 -6.90
C SER A 15 7.13 14.46 -8.06
N THR A 16 6.89 15.31 -9.04
CA THR A 16 7.80 15.45 -10.16
C THR A 16 8.95 16.41 -9.81
N GLU A 17 8.58 17.58 -9.28
CA GLU A 17 9.54 18.64 -8.92
C GLU A 17 10.76 18.10 -8.17
N GLU A 18 11.93 18.58 -8.57
CA GLU A 18 13.18 18.21 -7.94
C GLU A 18 13.22 18.68 -6.48
N GLU A 19 13.71 17.82 -5.58
CA GLU A 19 13.79 18.16 -4.16
C GLU A 19 15.19 18.00 -3.57
N TYR A 20 15.66 19.05 -2.91
CA TYR A 20 16.94 19.07 -2.25
C TYR A 20 16.94 18.22 -0.99
N VAL A 21 17.95 17.37 -0.86
CA VAL A 21 18.16 16.63 0.38
C VAL A 21 19.49 17.06 1.03
N SER A 22 20.58 16.89 0.27
CA SER A 22 21.88 17.41 0.64
C SER A 22 22.55 17.88 -0.66
N PRO A 23 23.77 18.40 -0.58
CA PRO A 23 24.50 18.82 -1.78
C PRO A 23 24.74 17.64 -2.72
N ARG A 24 24.81 16.45 -2.13
CA ARG A 24 25.09 15.24 -2.86
C ARG A 24 23.82 14.49 -3.30
N PHE A 25 22.68 14.78 -2.65
CA PHE A 25 21.47 13.99 -2.83
C PHE A 25 20.24 14.80 -3.22
N LEU A 26 19.58 14.33 -4.27
CA LEU A 26 18.49 15.01 -4.90
C LEU A 26 17.38 13.98 -5.05
N VAL A 27 16.13 14.44 -4.99
CA VAL A 27 15.01 13.58 -5.33
C VAL A 27 14.33 14.04 -6.61
N ALA A 28 14.10 13.10 -7.52
CA ALA A 28 13.37 13.39 -8.74
C ALA A 28 12.61 12.15 -9.16
N ASP A 29 11.36 12.35 -9.56
CA ASP A 29 10.50 11.32 -10.12
C ASP A 29 10.38 10.08 -9.23
N GLY A 30 10.24 10.31 -7.94
CA GLY A 30 10.11 9.23 -6.96
C GLY A 30 11.41 8.56 -6.56
N PHE A 31 12.54 9.02 -7.11
CA PHE A 31 13.81 8.37 -6.78
C PHE A 31 14.76 9.30 -6.10
N LEU A 32 15.54 8.74 -5.18
CA LEU A 32 16.64 9.48 -4.59
C LEU A 32 17.88 9.23 -5.44
N ILE A 33 18.51 10.32 -5.89
CA ILE A 33 19.65 10.25 -6.78
C ILE A 33 20.96 10.63 -6.10
N ASP A 34 21.94 9.75 -6.24
CA ASP A 34 23.30 10.02 -5.78
C ASP A 34 23.99 10.81 -6.88
N LEU A 35 24.21 12.09 -6.65
CA LEU A 35 24.71 12.99 -7.69
C LEU A 35 26.20 12.82 -7.94
N ALA A 36 26.90 12.24 -6.98
CA ALA A 36 28.33 11.99 -7.12
C ALA A 36 28.60 10.69 -7.89
N GLU A 37 27.77 9.68 -7.65
CA GLU A 37 27.85 8.42 -8.41
C GLU A 37 26.94 8.39 -9.66
N GLU A 38 26.08 9.41 -9.77
CA GLU A 38 25.17 9.55 -10.91
C GLU A 38 24.26 8.33 -11.11
N LYS A 39 23.67 7.86 -10.01
CA LYS A 39 22.71 6.77 -10.04
C LYS A 39 21.65 6.92 -8.93
N PRO A 40 20.49 6.29 -9.10
CA PRO A 40 19.53 6.20 -8.00
C PRO A 40 20.12 5.36 -6.88
N ILE A 41 19.67 5.62 -5.66
CA ILE A 41 19.99 4.74 -4.54
C ILE A 41 18.69 4.41 -3.81
N ASN A 42 18.52 3.14 -3.46
CA ASN A 42 17.41 2.72 -2.61
C ASN A 42 17.35 3.62 -1.37
N PRO A 43 16.20 4.24 -1.13
CA PRO A 43 16.00 5.07 0.07
C PRO A 43 16.17 4.30 1.38
N LYS A 44 16.24 2.98 1.29
CA LYS A 44 16.41 2.13 2.46
C LYS A 44 17.80 1.50 2.46
N ASP A 45 18.68 1.99 1.59
CA ASP A 45 20.05 1.54 1.54
C ASP A 45 20.69 1.83 2.88
N PRO A 46 21.28 0.80 3.51
CA PRO A 46 21.90 0.92 4.83
C PRO A 46 22.99 2.00 4.90
N ARG A 47 23.65 2.29 3.78
CA ARG A 47 24.74 3.26 3.85
C ARG A 47 24.30 4.75 3.85
N LEU A 48 22.98 4.97 3.83
CA LEU A 48 22.42 6.30 4.03
C LEU A 48 22.47 6.73 5.49
N LEU A 49 22.70 5.79 6.40
CA LEU A 49 22.84 6.09 7.82
C LEU A 49 24.13 6.86 8.08
N THR A 50 25.17 6.50 7.33
CA THR A 50 26.46 7.20 7.33
C THR A 50 26.41 8.47 6.47
N LEU A 51 25.78 8.37 5.30
CA LEU A 51 25.88 9.41 4.28
C LEU A 51 24.95 10.60 4.51
N LEU A 52 23.83 10.38 5.19
CA LEU A 52 22.90 11.47 5.50
C LEU A 52 22.65 11.60 7.00
N LYS A 53 22.58 12.84 7.46
CA LYS A 53 22.15 13.13 8.83
C LYS A 53 20.69 12.70 9.07
N ASP A 54 20.34 12.54 10.35
CA ASP A 54 18.97 12.21 10.76
C ASP A 54 17.89 13.07 10.11
N HIS A 55 18.09 14.39 10.14
CA HIS A 55 17.11 15.34 9.58
C HIS A 55 16.87 15.09 8.09
N GLN A 56 17.95 14.82 7.36
CA GLN A 56 17.85 14.57 5.92
C GLN A 56 17.11 13.26 5.62
N ARG A 57 17.40 12.20 6.39
CA ARG A 57 16.65 10.96 6.29
C ARG A 57 15.16 11.12 6.67
N ALA A 58 14.90 12.02 7.62
CA ALA A 58 13.53 12.34 8.03
C ALA A 58 12.77 13.08 6.92
N MSE A 59 13.49 13.92 6.16
CA MSE A 59 12.90 14.60 4.99
C MSE A 59 12.53 13.61 3.90
O MSE A 59 11.51 13.76 3.24
CB MSE A 59 13.86 15.64 4.42
CB MSE A 59 13.84 15.69 4.45
CG MSE A 59 14.15 16.82 5.34
CG MSE A 59 14.13 16.82 5.45
SE MSE A 59 15.55 18.00 4.66
SE MSE A 59 12.55 17.79 6.05
CE MSE A 59 16.54 16.76 3.64
CE MSE A 59 12.18 16.83 7.75
N ILE A 60 13.36 12.58 3.73
CA ILE A 60 13.11 11.53 2.75
C ILE A 60 11.85 10.71 3.07
N ASP A 61 11.59 10.48 4.36
CA ASP A 61 10.41 9.73 4.78
C ASP A 61 9.13 10.50 4.46
N GLN A 62 9.21 11.83 4.46
CA GLN A 62 8.06 12.68 4.16
C GLN A 62 7.83 12.89 2.65
N MSE A 63 8.59 12.19 1.83
CA MSE A 63 8.57 12.46 0.40
C MSE A 63 7.87 11.40 -0.46
O MSE A 63 7.69 11.61 -1.66
CB MSE A 63 9.99 12.69 -0.12
CG MSE A 63 10.29 14.12 -0.47
SE MSE A 63 12.22 14.46 -0.53
CE MSE A 63 12.84 12.69 -0.34
N ASN A 64 7.45 10.29 0.15
CA ASN A 64 6.81 9.20 -0.57
C ASN A 64 7.57 8.76 -1.84
N LEU A 65 8.73 8.16 -1.64
CA LEU A 65 9.52 7.66 -2.76
C LEU A 65 9.10 6.24 -3.11
N VAL A 66 9.39 5.85 -4.35
CA VAL A 66 9.16 4.49 -4.80
C VAL A 66 9.89 3.47 -3.90
N LYS A 67 9.18 2.44 -3.49
CA LYS A 67 9.77 1.37 -2.71
C LYS A 67 10.35 0.38 -3.66
N TRP A 68 11.65 0.14 -3.53
CA TRP A 68 12.39 -0.68 -4.48
C TRP A 68 12.03 -2.15 -4.41
N ASN A 69 11.59 -2.61 -3.23
CA ASN A 69 11.13 -3.98 -3.04
C ASN A 69 10.01 -4.38 -4.00
N ASP A 70 9.19 -3.42 -4.39
CA ASP A 70 8.09 -3.67 -5.32
C ASP A 70 8.59 -4.13 -6.69
N PHE A 71 9.87 -3.92 -6.98
CA PHE A 71 10.44 -4.27 -8.27
C PHE A 71 10.82 -5.74 -8.37
N LYS A 72 10.94 -6.39 -7.21
CA LYS A 72 11.48 -7.75 -7.12
C LYS A 72 10.83 -8.72 -8.09
N LYS A 73 9.51 -8.61 -8.23
CA LYS A 73 8.73 -9.53 -9.06
C LYS A 73 8.91 -9.23 -10.55
N TYR A 74 8.99 -7.94 -10.89
CA TYR A 74 9.02 -7.46 -12.28
C TYR A 74 10.00 -8.27 -13.11
N GLN A 75 9.48 -8.89 -14.16
CA GLN A 75 10.32 -9.60 -15.12
C GLN A 75 10.82 -8.65 -16.21
N ASP A 76 10.04 -7.59 -16.47
CA ASP A 76 10.38 -6.61 -17.50
C ASP A 76 11.04 -5.35 -16.90
N PRO A 77 11.78 -4.60 -17.73
CA PRO A 77 12.35 -3.31 -17.33
C PRO A 77 11.25 -2.33 -16.97
N ILE A 78 11.57 -1.25 -16.24
CA ILE A 78 10.58 -0.40 -15.60
C ILE A 78 10.37 0.94 -16.35
N PRO A 79 9.19 1.13 -16.93
CA PRO A 79 8.87 2.38 -17.63
C PRO A 79 8.53 3.49 -16.62
N LEU A 80 9.13 4.66 -16.80
CA LEU A 80 8.90 5.79 -15.94
C LEU A 80 8.47 6.98 -16.75
N LYS A 81 7.36 7.58 -16.37
CA LYS A 81 6.96 8.86 -16.91
C LYS A 81 7.73 9.98 -16.20
N ALA A 82 9.05 9.98 -16.43
CA ALA A 82 9.99 10.84 -15.70
C ALA A 82 10.16 12.22 -16.34
N LYS A 83 10.36 13.23 -15.50
CA LYS A 83 10.60 14.59 -15.97
C LYS A 83 12.07 14.99 -15.96
N THR A 84 12.88 14.40 -15.07
CA THR A 84 14.24 14.90 -14.82
C THR A 84 15.25 13.81 -14.41
N LEU A 85 14.77 12.70 -13.87
CA LEU A 85 15.65 11.63 -13.41
C LEU A 85 16.80 11.31 -14.37
N PHE A 86 16.48 11.13 -15.65
CA PHE A 86 17.49 10.69 -16.63
C PHE A 86 18.57 11.73 -16.95
N LYS A 87 18.36 12.95 -16.50
CA LYS A 87 19.32 14.03 -16.65
C LYS A 87 20.55 13.82 -15.70
N PHE A 88 20.32 13.10 -14.61
CA PHE A 88 21.31 12.99 -13.53
C PHE A 88 22.00 11.62 -13.45
N CYS A 89 21.45 10.65 -14.17
CA CYS A 89 21.88 9.25 -14.06
C CYS A 89 22.62 8.75 -15.30
N LYS A 90 23.80 8.16 -15.09
CA LYS A 90 24.51 7.45 -16.16
C LYS A 90 23.58 6.38 -16.75
N GLN A 91 23.52 6.34 -18.09
CA GLN A 91 22.72 5.35 -18.82
C GLN A 91 23.63 4.42 -19.60
N ILE A 92 23.13 3.20 -19.85
CA ILE A 92 23.73 2.28 -20.79
C ILE A 92 22.68 2.03 -21.89
N LYS A 93 23.09 1.42 -23.00
CA LYS A 93 22.14 0.96 -24.01
C LYS A 93 22.00 -0.55 -23.96
N LYS A 94 20.75 -1.01 -23.84
CA LYS A 94 20.45 -2.44 -23.74
C LYS A 94 19.44 -2.88 -24.79
N LYS A 95 19.53 -4.14 -25.21
CA LYS A 95 18.56 -4.71 -26.15
C LYS A 95 17.35 -5.30 -25.42
N PHE A 96 16.16 -4.95 -25.87
CA PHE A 96 14.91 -5.50 -25.31
C PHE A 96 13.96 -5.90 -26.44
N LEU A 97 12.98 -6.74 -26.09
CA LEU A 97 11.84 -7.00 -26.96
C LEU A 97 10.90 -5.82 -26.92
N ARG A 98 10.48 -5.37 -28.09
CA ARG A 98 9.40 -4.42 -28.20
C ARG A 98 8.10 -5.18 -28.37
N GLY A 99 7.25 -5.12 -27.36
CA GLY A 99 6.02 -5.88 -27.35
C GLY A 99 4.89 -5.15 -28.02
N ALA A 100 3.82 -5.87 -28.34
CA ALA A 100 2.63 -5.28 -28.96
C ALA A 100 1.92 -4.28 -28.02
N ASP A 101 2.29 -4.27 -26.74
CA ASP A 101 1.84 -3.23 -25.83
C ASP A 101 2.71 -1.95 -25.91
N PHE A 102 3.59 -1.91 -26.92
CA PHE A 102 4.45 -0.74 -27.23
C PHE A 102 5.48 -0.43 -26.12
N LYS A 103 5.68 -1.41 -25.22
CA LYS A 103 6.62 -1.26 -24.12
C LYS A 103 7.74 -2.30 -24.22
N LEU A 104 8.73 -2.20 -23.33
CA LEU A 104 9.90 -3.06 -23.40
C LEU A 104 9.75 -4.31 -22.55
N HIS A 105 10.29 -5.43 -23.05
CA HIS A 105 10.23 -6.70 -22.34
C HIS A 105 11.56 -7.42 -22.47
N THR A 106 11.94 -8.16 -21.42
CA THR A 106 13.25 -8.85 -21.36
C THR A 106 13.41 -9.87 -22.46
N LEU A 107 14.61 -9.95 -23.02
CA LEU A 107 14.94 -10.95 -24.02
C LEU A 107 14.96 -12.35 -23.39
N PRO A 108 14.32 -13.31 -24.04
CA PRO A 108 14.26 -14.69 -23.54
C PRO A 108 15.64 -15.37 -23.39
N MSE A 120 10.94 -8.68 -32.88
CA MSE A 120 11.10 -7.22 -32.82
C MSE A 120 11.97 -6.81 -31.60
O MSE A 120 11.52 -6.88 -30.45
CB MSE A 120 9.74 -6.52 -32.77
CG MSE A 120 9.72 -5.15 -33.46
SE MSE A 120 9.49 -5.24 -35.46
CE MSE A 120 7.69 -6.17 -35.55
N THR A 121 13.20 -6.41 -31.88
CA THR A 121 14.10 -5.96 -30.81
C THR A 121 14.47 -4.49 -30.96
N VAL A 122 14.77 -3.85 -29.83
CA VAL A 122 15.22 -2.46 -29.82
C VAL A 122 16.33 -2.25 -28.80
N LEU A 123 17.12 -1.22 -29.03
CA LEU A 123 18.09 -0.77 -28.07
C LEU A 123 17.49 0.41 -27.34
N ALA A 124 17.63 0.40 -26.02
CA ALA A 124 17.08 1.46 -25.21
C ALA A 124 18.12 2.02 -24.25
N SER A 125 18.20 3.35 -24.16
CA SER A 125 18.92 3.99 -23.06
C SER A 125 18.22 3.67 -21.75
N CYS A 126 18.98 3.21 -20.79
CA CYS A 126 18.40 2.59 -19.61
C CYS A 126 19.31 2.88 -18.42
N VAL A 127 18.71 2.98 -17.23
CA VAL A 127 19.41 3.20 -15.98
C VAL A 127 19.37 1.92 -15.13
N PRO A 128 20.53 1.27 -14.93
CA PRO A 128 20.60 0.05 -14.11
C PRO A 128 20.45 0.35 -12.63
N ILE A 129 19.62 -0.42 -11.93
CA ILE A 129 19.58 -0.35 -10.47
C ILE A 129 19.78 -1.71 -9.81
N LEU A 130 20.57 -1.73 -8.74
CA LEU A 130 20.84 -2.95 -7.95
C LEU A 130 19.83 -3.11 -6.79
N LEU A 131 19.22 -4.28 -6.69
CA LEU A 131 18.21 -4.50 -5.64
C LEU A 131 18.77 -5.24 -4.41
N ASP A 132 17.95 -5.39 -3.37
CA ASP A 132 18.31 -6.12 -2.13
C ASP A 132 18.98 -7.46 -2.39
N ASP A 133 18.42 -8.24 -3.32
CA ASP A 133 18.84 -9.61 -3.55
C ASP A 133 19.95 -9.73 -4.61
N GLN A 134 20.47 -8.59 -5.05
CA GLN A 134 21.54 -8.51 -6.06
C GLN A 134 21.06 -8.68 -7.53
N THR A 135 19.75 -8.62 -7.73
CA THR A 135 19.17 -8.56 -9.08
C THR A 135 19.34 -7.14 -9.65
N VAL A 136 19.53 -7.07 -10.98
CA VAL A 136 19.62 -5.80 -11.69
C VAL A 136 18.32 -5.51 -12.41
N GLN A 137 17.77 -4.32 -12.15
CA GLN A 137 16.61 -3.85 -12.90
C GLN A 137 17.01 -2.65 -13.75
N TYR A 138 16.06 -2.15 -14.53
CA TYR A 138 16.36 -1.11 -15.51
C TYR A 138 15.21 -0.11 -15.62
N LEU A 139 15.53 1.17 -15.35
CA LEU A 139 14.60 2.25 -15.56
C LEU A 139 14.78 2.83 -16.95
N TYR A 140 13.69 2.97 -17.69
CA TYR A 140 13.74 3.64 -18.96
C TYR A 140 12.63 4.68 -19.08
N ASP A 141 12.86 5.67 -19.96
CA ASP A 141 11.97 6.82 -20.12
C ASP A 141 10.79 6.57 -21.06
N ASP A 142 9.60 6.41 -20.46
CA ASP A 142 8.38 6.19 -21.19
C ASP A 142 7.97 7.42 -22.00
N GLU B 17 -0.69 2.18 7.76
CA GLU B 17 -0.83 3.66 7.90
C GLU B 17 -2.21 4.10 7.43
N GLU B 18 -2.84 5.01 8.18
CA GLU B 18 -4.18 5.50 7.84
C GLU B 18 -4.16 6.43 6.62
N GLU B 19 -5.24 6.41 5.86
CA GLU B 19 -5.34 7.21 4.66
C GLU B 19 -6.53 8.17 4.70
N TYR B 20 -6.22 9.46 4.62
CA TYR B 20 -7.24 10.49 4.50
C TYR B 20 -8.05 10.31 3.22
N VAL B 21 -9.37 10.29 3.37
CA VAL B 21 -10.26 10.29 2.24
C VAL B 21 -11.04 11.62 2.25
N SER B 22 -11.76 11.87 3.34
CA SER B 22 -12.41 13.16 3.57
C SER B 22 -12.46 13.41 5.07
N PRO B 23 -12.98 14.56 5.50
CA PRO B 23 -13.11 14.84 6.94
C PRO B 23 -13.94 13.77 7.62
N ARG B 24 -14.99 13.30 6.93
CA ARG B 24 -15.85 12.27 7.45
C ARG B 24 -15.25 10.88 7.34
N PHE B 25 -14.38 10.64 6.36
CA PHE B 25 -13.99 9.26 6.04
C PHE B 25 -12.50 8.99 6.08
N LEU B 26 -12.16 7.94 6.82
CA LEU B 26 -10.77 7.56 7.02
C LEU B 26 -10.64 6.11 6.59
N VAL B 27 -9.48 5.75 6.05
CA VAL B 27 -9.15 4.34 5.82
C VAL B 27 -8.08 3.84 6.78
N ALA B 28 -8.34 2.70 7.42
CA ALA B 28 -7.40 2.10 8.36
C ALA B 28 -7.47 0.58 8.31
N ASP B 29 -6.30 -0.06 8.32
CA ASP B 29 -6.21 -1.53 8.39
C ASP B 29 -7.03 -2.23 7.29
N GLY B 30 -7.14 -1.58 6.13
CA GLY B 30 -7.90 -2.12 5.01
C GLY B 30 -9.38 -1.85 5.06
N PHE B 31 -9.81 -1.03 6.01
CA PHE B 31 -11.23 -0.71 6.16
C PHE B 31 -11.50 0.75 6.00
N LEU B 32 -12.54 1.07 5.24
CA LEU B 32 -13.04 2.42 5.15
C LEU B 32 -13.91 2.69 6.37
N ILE B 33 -13.56 3.72 7.10
CA ILE B 33 -14.25 4.03 8.33
C ILE B 33 -15.06 5.28 8.17
N ASP B 34 -16.33 5.21 8.57
CA ASP B 34 -17.20 6.38 8.65
C ASP B 34 -16.99 6.99 10.00
N LEU B 35 -16.40 8.18 10.07
CA LEU B 35 -16.13 8.80 11.36
C LEU B 35 -17.35 9.50 12.02
N ALA B 36 -18.37 9.78 11.22
CA ALA B 36 -19.56 10.38 11.75
C ALA B 36 -20.31 9.31 12.54
N GLU B 37 -20.41 8.14 11.91
CA GLU B 37 -21.21 7.08 12.49
C GLU B 37 -20.46 6.26 13.52
N GLU B 38 -19.13 6.21 13.42
CA GLU B 38 -18.19 5.43 14.27
C GLU B 38 -18.30 3.94 13.88
N LYS B 39 -18.14 3.67 12.59
CA LYS B 39 -18.14 2.29 12.09
C LYS B 39 -17.45 2.10 10.73
N PRO B 40 -17.03 0.87 10.41
CA PRO B 40 -16.63 0.53 9.05
C PRO B 40 -17.82 0.55 8.10
N ILE B 41 -17.55 0.88 6.84
CA ILE B 41 -18.54 0.80 5.78
C ILE B 41 -17.94 -0.01 4.62
N ASN B 42 -18.76 -0.85 4.00
CA ASN B 42 -18.39 -1.53 2.78
C ASN B 42 -17.93 -0.51 1.74
N PRO B 43 -16.70 -0.66 1.23
CA PRO B 43 -16.22 0.18 0.13
C PRO B 43 -17.13 0.16 -1.12
N LYS B 44 -18.03 -0.80 -1.20
CA LYS B 44 -18.94 -0.95 -2.33
C LYS B 44 -20.35 -0.52 -1.96
N ASP B 45 -20.49 0.16 -0.83
CA ASP B 45 -21.79 0.60 -0.32
C ASP B 45 -22.38 1.69 -1.21
N PRO B 46 -23.54 1.42 -1.80
CA PRO B 46 -24.23 2.38 -2.67
C PRO B 46 -24.28 3.81 -2.09
N ARG B 47 -24.31 3.95 -0.76
CA ARG B 47 -24.47 5.26 -0.15
C ARG B 47 -23.28 6.19 -0.43
N LEU B 48 -22.13 5.61 -0.78
CA LEU B 48 -20.91 6.38 -1.01
C LEU B 48 -20.98 7.25 -2.27
N LEU B 49 -21.98 7.01 -3.12
CA LEU B 49 -22.23 7.83 -4.31
C LEU B 49 -22.75 9.22 -3.97
N THR B 50 -23.46 9.34 -2.85
CA THR B 50 -23.92 10.65 -2.38
C THR B 50 -22.97 11.22 -1.36
N LEU B 51 -22.44 10.35 -0.50
CA LEU B 51 -21.61 10.75 0.64
C LEU B 51 -20.22 11.19 0.23
N LEU B 52 -19.66 10.50 -0.76
CA LEU B 52 -18.33 10.85 -1.27
C LEU B 52 -18.39 11.31 -2.72
N LYS B 53 -17.55 12.27 -3.06
CA LYS B 53 -17.44 12.76 -4.42
C LYS B 53 -16.64 11.78 -5.31
N ASP B 54 -16.71 12.00 -6.62
CA ASP B 54 -16.04 11.12 -7.59
C ASP B 54 -14.55 10.96 -7.32
N HIS B 55 -13.89 12.05 -6.98
CA HIS B 55 -12.47 12.04 -6.70
C HIS B 55 -12.16 11.18 -5.48
N GLN B 56 -12.96 11.34 -4.45
CA GLN B 56 -12.78 10.60 -3.22
C GLN B 56 -13.01 9.09 -3.41
N ARG B 57 -13.94 8.74 -4.30
CA ARG B 57 -14.14 7.32 -4.64
C ARG B 57 -13.02 6.80 -5.53
N ALA B 58 -12.44 7.68 -6.35
CA ALA B 58 -11.31 7.27 -7.19
C ALA B 58 -10.09 6.86 -6.36
N MSE B 59 -9.86 7.53 -5.23
CA MSE B 59 -8.73 7.19 -4.36
C MSE B 59 -8.93 5.90 -3.58
O MSE B 59 -7.97 5.19 -3.30
CB MSE B 59 -8.37 8.30 -3.37
CG MSE B 59 -9.40 9.36 -3.18
SE MSE B 59 -8.51 11.07 -2.95
CE MSE B 59 -9.05 11.47 -1.09
N ILE B 60 -10.18 5.60 -3.23
CA ILE B 60 -10.53 4.38 -2.52
C ILE B 60 -10.25 3.16 -3.40
N ASP B 61 -10.62 3.28 -4.69
CA ASP B 61 -10.36 2.22 -5.68
C ASP B 61 -8.87 1.90 -5.85
N GLN B 62 -8.02 2.89 -5.56
CA GLN B 62 -6.57 2.72 -5.69
C GLN B 62 -5.96 2.11 -4.44
N MSE B 63 -6.76 1.97 -3.39
CA MSE B 63 -6.23 1.64 -2.08
C MSE B 63 -6.24 0.16 -1.71
O MSE B 63 -5.73 -0.21 -0.64
CB MSE B 63 -6.95 2.43 -1.01
CG MSE B 63 -6.30 3.72 -0.69
SE MSE B 63 -7.47 4.84 0.36
CE MSE B 63 -9.04 3.72 0.40
N ASN B 64 -6.81 -0.68 -2.57
CA ASN B 64 -6.89 -2.13 -2.34
C ASN B 64 -7.41 -2.48 -0.93
N LEU B 65 -8.72 -2.43 -0.77
CA LEU B 65 -9.33 -2.65 0.52
C LEU B 65 -9.79 -4.08 0.65
N VAL B 66 -10.05 -4.51 1.89
CA VAL B 66 -10.61 -5.83 2.14
C VAL B 66 -12.00 -5.91 1.51
N LYS B 67 -12.26 -7.00 0.80
CA LYS B 67 -13.55 -7.21 0.15
C LYS B 67 -14.50 -7.92 1.13
N TRP B 68 -15.67 -7.32 1.35
CA TRP B 68 -16.60 -7.79 2.38
C TRP B 68 -17.41 -9.04 2.00
N ASN B 69 -17.55 -9.31 0.71
CA ASN B 69 -18.34 -10.46 0.27
C ASN B 69 -17.77 -11.83 0.71
N ASP B 70 -16.48 -11.86 1.06
CA ASP B 70 -15.82 -13.06 1.59
C ASP B 70 -16.35 -13.44 2.98
N PHE B 71 -16.78 -12.44 3.76
CA PHE B 71 -17.26 -12.64 5.12
C PHE B 71 -18.59 -13.39 5.21
N LYS B 72 -19.28 -13.51 4.09
CA LYS B 72 -20.53 -14.27 4.02
C LYS B 72 -20.29 -15.76 4.25
N LYS B 73 -19.08 -16.22 3.95
CA LYS B 73 -18.72 -17.62 4.16
C LYS B 73 -18.40 -17.92 5.63
N TYR B 74 -17.97 -16.89 6.36
CA TYR B 74 -17.44 -17.04 7.72
C TYR B 74 -18.55 -17.35 8.72
N GLN B 75 -18.38 -18.44 9.45
CA GLN B 75 -19.32 -18.81 10.50
C GLN B 75 -18.99 -18.08 11.80
N ASP B 76 -17.71 -17.78 12.01
CA ASP B 76 -17.20 -17.14 13.22
C ASP B 76 -16.91 -15.66 12.98
N PRO B 77 -16.74 -14.87 14.05
CA PRO B 77 -16.36 -13.47 13.93
C PRO B 77 -14.94 -13.36 13.37
N ILE B 78 -14.55 -12.15 12.97
CA ILE B 78 -13.35 -11.94 12.18
C ILE B 78 -12.23 -11.33 13.01
N PRO B 79 -11.15 -12.09 13.20
CA PRO B 79 -9.93 -11.56 13.85
C PRO B 79 -9.20 -10.62 12.91
N LEU B 80 -8.89 -9.42 13.41
CA LEU B 80 -8.20 -8.40 12.64
C LEU B 80 -6.94 -7.97 13.37
N LYS B 81 -5.80 -8.08 12.70
CA LYS B 81 -4.52 -7.68 13.29
C LYS B 81 -4.36 -6.15 13.29
N ALA B 82 -5.43 -5.44 13.66
CA ALA B 82 -5.51 -3.98 13.46
C ALA B 82 -4.60 -3.14 14.36
N LYS B 83 -4.09 -2.04 13.81
CA LYS B 83 -3.32 -1.07 14.58
C LYS B 83 -4.18 0.12 15.00
N THR B 84 -5.21 0.41 14.20
CA THR B 84 -5.92 1.68 14.26
C THR B 84 -7.44 1.56 14.35
N LEU B 85 -8.02 0.68 13.53
CA LEU B 85 -9.48 0.59 13.38
C LEU B 85 -10.30 0.82 14.69
N PHE B 86 -9.97 0.10 15.76
CA PHE B 86 -10.79 0.10 16.97
C PHE B 86 -10.76 1.42 17.79
N LYS B 87 -9.83 2.31 17.45
CA LYS B 87 -9.79 3.63 18.05
C LYS B 87 -10.96 4.50 17.57
N PHE B 88 -11.48 4.19 16.39
CA PHE B 88 -12.50 5.03 15.77
C PHE B 88 -13.87 4.39 15.73
N CYS B 89 -13.92 3.07 15.85
CA CYS B 89 -15.15 2.31 15.72
C CYS B 89 -15.75 1.98 17.08
N LYS B 90 -17.04 2.23 17.24
CA LYS B 90 -17.73 1.95 18.48
C LYS B 90 -17.90 0.45 18.59
N GLN B 91 -17.65 -0.09 19.78
CA GLN B 91 -17.70 -1.53 20.00
C GLN B 91 -18.90 -1.94 20.83
N ILE B 92 -19.23 -3.21 20.78
CA ILE B 92 -20.18 -3.78 21.70
C ILE B 92 -19.48 -4.88 22.46
N LYS B 93 -19.97 -5.22 23.63
CA LYS B 93 -19.47 -6.41 24.30
C LYS B 93 -20.42 -7.53 23.93
N LYS B 94 -19.85 -8.64 23.46
CA LYS B 94 -20.64 -9.79 23.03
C LYS B 94 -19.94 -11.10 23.41
N LYS B 95 -20.74 -12.12 23.73
CA LYS B 95 -20.22 -13.41 24.17
C LYS B 95 -19.87 -14.31 22.99
N PHE B 96 -18.74 -15.01 23.14
CA PHE B 96 -18.24 -15.92 22.12
C PHE B 96 -17.66 -17.16 22.77
N LEU B 97 -17.34 -18.15 21.95
CA LEU B 97 -16.64 -19.32 22.42
C LEU B 97 -15.16 -19.14 22.19
N ARG B 98 -14.36 -19.30 23.24
CA ARG B 98 -12.91 -19.40 23.07
C ARG B 98 -12.57 -20.84 22.77
N GLY B 99 -11.88 -21.07 21.67
CA GLY B 99 -11.56 -22.42 21.23
C GLY B 99 -10.14 -22.82 21.54
N ALA B 100 -9.80 -24.06 21.23
CA ALA B 100 -8.44 -24.57 21.40
C ALA B 100 -7.43 -23.76 20.57
N ASP B 101 -7.91 -23.16 19.48
CA ASP B 101 -7.08 -22.35 18.60
C ASP B 101 -6.89 -20.90 19.09
N PHE B 102 -7.38 -20.63 20.32
CA PHE B 102 -7.27 -19.33 21.00
C PHE B 102 -8.05 -18.20 20.31
N LYS B 103 -8.87 -18.57 19.34
CA LYS B 103 -9.68 -17.61 18.62
C LYS B 103 -11.10 -17.60 19.18
N LEU B 104 -11.93 -16.71 18.64
CA LEU B 104 -13.31 -16.62 19.04
C LEU B 104 -14.22 -17.33 18.05
N HIS B 105 -15.30 -17.92 18.55
CA HIS B 105 -16.23 -18.68 17.72
C HIS B 105 -17.62 -18.41 18.18
N THR B 106 -18.57 -18.53 17.25
CA THR B 106 -19.98 -18.29 17.53
C THR B 106 -20.44 -19.25 18.61
N LEU B 107 -21.15 -18.72 19.60
CA LEU B 107 -21.79 -19.57 20.59
C LEU B 107 -22.58 -20.67 19.88
N PRO B 108 -22.46 -21.91 20.37
CA PRO B 108 -23.27 -23.02 19.84
C PRO B 108 -24.74 -22.82 20.19
N THR B 109 -25.62 -23.67 19.69
CA THR B 109 -27.04 -23.61 20.04
C THR B 109 -27.24 -23.91 21.51
N GLU B 110 -28.39 -23.47 22.04
CA GLU B 110 -28.78 -23.80 23.41
C GLU B 110 -28.54 -25.29 23.74
N ALA B 111 -28.96 -26.16 22.84
CA ALA B 111 -28.75 -27.61 22.97
C ALA B 111 -27.27 -28.02 23.11
N ASN B 112 -26.37 -27.34 22.39
CA ASN B 112 -24.94 -27.66 22.41
C ASN B 112 -24.08 -26.59 23.11
N MSE B 120 -16.72 -22.72 28.03
CA MSE B 120 -15.60 -21.81 27.81
C MSE B 120 -16.03 -20.48 27.11
O MSE B 120 -15.60 -20.19 25.99
CB MSE B 120 -14.48 -22.51 27.03
CG MSE B 120 -13.39 -23.11 27.93
SE MSE B 120 -11.71 -22.06 27.94
CE MSE B 120 -12.43 -20.20 28.38
N THR B 121 -16.86 -19.71 27.81
CA THR B 121 -17.49 -18.52 27.26
C THR B 121 -16.76 -17.26 27.74
N VAL B 122 -16.43 -16.38 26.80
CA VAL B 122 -15.78 -15.10 27.10
C VAL B 122 -16.56 -13.92 26.54
N LEU B 123 -16.46 -12.79 27.23
CA LEU B 123 -17.00 -11.52 26.76
C LEU B 123 -15.91 -10.76 25.96
N ALA B 124 -16.26 -10.36 24.73
CA ALA B 124 -15.31 -9.72 23.82
C ALA B 124 -15.83 -8.41 23.27
N SER B 125 -14.94 -7.43 23.15
CA SER B 125 -15.21 -6.17 22.46
C SER B 125 -15.06 -6.37 20.97
N CYS B 126 -16.08 -5.99 20.22
CA CYS B 126 -16.09 -6.27 18.80
C CYS B 126 -16.91 -5.24 18.08
N VAL B 127 -16.65 -5.10 16.79
CA VAL B 127 -17.30 -4.12 15.95
C VAL B 127 -18.23 -4.83 14.98
N PRO B 128 -19.55 -4.66 15.15
CA PRO B 128 -20.53 -5.21 14.21
C PRO B 128 -20.51 -4.47 12.87
N ILE B 129 -20.55 -5.25 11.81
CA ILE B 129 -20.60 -4.73 10.44
C ILE B 129 -21.75 -5.40 9.68
N LEU B 130 -22.34 -4.65 8.74
CA LEU B 130 -23.48 -5.11 7.97
C LEU B 130 -23.06 -5.47 6.54
N LEU B 131 -23.24 -6.75 6.19
CA LEU B 131 -22.80 -7.30 4.89
C LEU B 131 -23.82 -6.94 3.78
N ASP B 132 -23.50 -7.27 2.53
CA ASP B 132 -24.42 -6.96 1.40
C ASP B 132 -25.68 -7.82 1.51
N ASP B 133 -25.52 -8.98 2.13
CA ASP B 133 -26.59 -9.84 2.65
C ASP B 133 -27.62 -9.10 3.53
N GLN B 134 -27.20 -7.94 4.07
CA GLN B 134 -27.81 -7.34 5.26
C GLN B 134 -27.77 -8.26 6.53
N THR B 135 -26.79 -9.16 6.57
CA THR B 135 -26.50 -9.91 7.79
C THR B 135 -25.35 -9.31 8.53
N VAL B 136 -25.27 -9.61 9.82
CA VAL B 136 -24.32 -8.96 10.70
C VAL B 136 -23.13 -9.86 10.90
N GLN B 137 -21.95 -9.25 10.93
CA GLN B 137 -20.73 -9.94 11.25
C GLN B 137 -19.98 -9.10 12.28
N TYR B 138 -18.83 -9.57 12.76
CA TYR B 138 -18.16 -8.90 13.87
C TYR B 138 -16.64 -8.91 13.75
N LEU B 139 -16.03 -7.73 13.89
CA LEU B 139 -14.57 -7.63 13.92
C LEU B 139 -14.09 -7.50 15.35
N TYR B 140 -12.97 -8.16 15.65
CA TYR B 140 -12.35 -8.03 16.94
C TYR B 140 -10.82 -7.99 16.85
N ASP B 141 -10.22 -7.40 17.87
CA ASP B 141 -8.80 -7.10 17.86
C ASP B 141 -7.98 -8.32 18.26
N ASP B 142 -7.25 -8.84 17.29
CA ASP B 142 -6.31 -9.94 17.50
C ASP B 142 -5.01 -9.41 18.09
#